data_6O49
#
_entry.id   6O49
#
_cell.length_a   58.860
_cell.length_b   33.600
_cell.length_c   98.140
_cell.angle_alpha   90.000
_cell.angle_beta   101.210
_cell.angle_gamma   90.000
#
_symmetry.space_group_name_H-M   'P 1 21 1'
#
loop_
_entity.id
_entity.type
_entity.pdbx_description
1 polymer 'Ubiquitin-like protein SMT3,Peptidyl-prolyl cis-trans isomerase'
2 non-polymer (2~{S})-~{N}-[3-oxidanylidene-3-[(3,4,5-trimethoxyphenyl)amino]propyl]-1-(phenylmethyl)sulfonyl-piperidine-2-carboxamide
3 non-polymer 'CALCIUM ION'
4 non-polymer 1,2-ETHANEDIOL
5 water water
#
_entity_poly.entity_id   1
_entity_poly.type   'polypeptide(L)'
_entity_poly.pdbx_seq_one_letter_code
;MGHHHHHHSGEVKPEVKPETHINLKVSDGSSEIFFKIKKTTPLRRLMEAFAKRQGKEMDSLRFLYDGIRIQADQTPEDLD
MEDNDIIEAHREQIGGSTVVTTESGLKYEDLTEGSGAEARAGQTVSVHYTGWLTDGQKFDSSKDRNDPFAFVLGGGMVIK
GWDEGVQGMKVGGVRRLTIPPQLGYGARGAGGVIPPNATLVFEVELLDV
;
_entity_poly.pdbx_strand_id   A,B
#
# COMPACT_ATOMS: atom_id res chain seq x y z
N GLU A 19 30.69 28.76 23.45
CA GLU A 19 31.80 29.51 22.89
C GLU A 19 32.55 28.70 21.81
N THR A 20 32.93 27.46 22.13
CA THR A 20 33.69 26.65 21.18
C THR A 20 32.79 26.10 20.07
N HIS A 21 31.56 25.76 20.38
CA HIS A 21 30.71 25.01 19.47
C HIS A 21 29.54 25.87 19.00
N ILE A 22 28.87 25.40 17.95
CA ILE A 22 27.77 26.11 17.33
C ILE A 22 26.72 25.08 16.91
N ASN A 23 25.45 25.50 16.96
CA ASN A 23 24.34 24.67 16.52
C ASN A 23 23.80 25.25 15.22
N LEU A 24 23.57 24.38 14.23
CA LEU A 24 23.15 24.83 12.91
C LEU A 24 21.97 23.99 12.44
N LYS A 25 20.99 24.66 11.83
CA LYS A 25 19.86 23.96 11.21
C LYS A 25 20.17 23.74 9.74
N VAL A 26 19.91 22.52 9.27
CA VAL A 26 19.94 22.22 7.85
C VAL A 26 18.50 21.87 7.44
N SER A 27 17.97 22.62 6.49
CA SER A 27 16.65 22.38 5.93
CA SER A 27 16.65 22.37 5.93
C SER A 27 16.80 21.96 4.48
N ASP A 28 16.15 20.86 4.10
CA ASP A 28 16.23 20.37 2.73
C ASP A 28 14.96 20.69 1.93
N GLY A 29 14.12 21.58 2.44
CA GLY A 29 12.87 21.92 1.81
C GLY A 29 11.67 21.18 2.36
N SER A 30 11.89 20.08 3.07
CA SER A 30 10.81 19.28 3.64
C SER A 30 10.93 19.11 5.14
N SER A 31 12.14 18.99 5.67
CA SER A 31 12.36 18.73 7.09
C SER A 31 13.64 19.42 7.53
N GLU A 32 13.78 19.60 8.84
CA GLU A 32 14.93 20.27 9.43
C GLU A 32 15.63 19.33 10.40
N ILE A 33 16.96 19.28 10.33
CA ILE A 33 17.74 18.56 11.32
C ILE A 33 18.86 19.47 11.78
N PHE A 34 19.34 19.24 12.99
CA PHE A 34 20.28 20.13 13.65
C PHE A 34 21.64 19.45 13.76
N PHE A 35 22.69 20.28 13.72
CA PHE A 35 24.07 19.84 13.88
C PHE A 35 24.76 20.68 14.93
N LYS A 36 25.44 20.02 15.87
CA LYS A 36 26.35 20.67 16.79
C LYS A 36 27.77 20.39 16.31
N ILE A 37 28.56 21.44 16.09
CA ILE A 37 29.90 21.30 15.54
C ILE A 37 30.79 22.35 16.16
N LYS A 38 32.07 22.00 16.32
CA LYS A 38 33.05 22.97 16.77
C LYS A 38 33.28 24.00 15.67
N LYS A 39 33.41 25.27 16.07
CA LYS A 39 33.55 26.34 15.08
C LYS A 39 34.81 26.19 14.23
N THR A 40 35.77 25.38 14.67
CA THR A 40 37.01 25.13 13.94
C THR A 40 36.96 23.85 13.11
N THR A 41 35.83 23.15 13.11
CA THR A 41 35.75 21.94 12.29
C THR A 41 35.30 22.32 10.89
N PRO A 42 35.97 21.85 9.84
CA PRO A 42 35.50 22.14 8.47
C PRO A 42 34.08 21.65 8.27
N LEU A 43 33.28 22.45 7.56
CA LEU A 43 31.88 22.07 7.34
C LEU A 43 31.74 20.78 6.55
N ARG A 44 32.84 20.29 5.97
CA ARG A 44 32.87 18.93 5.41
C ARG A 44 32.20 17.91 6.34
N ARG A 45 32.49 17.97 7.64
CA ARG A 45 31.93 16.96 8.53
CA ARG A 45 31.92 17.00 8.56
C ARG A 45 30.41 17.08 8.60
N LEU A 46 29.89 18.31 8.67
CA LEU A 46 28.44 18.49 8.66
C LEU A 46 27.87 18.04 7.33
N MET A 47 28.50 18.45 6.23
CA MET A 47 28.00 18.10 4.91
C MET A 47 28.03 16.59 4.66
N GLU A 48 29.10 15.93 5.09
CA GLU A 48 29.18 14.47 4.97
C GLU A 48 28.16 13.80 5.87
N ALA A 49 27.96 14.33 7.08
CA ALA A 49 26.97 13.75 7.99
C ALA A 49 25.57 13.90 7.42
N PHE A 50 25.25 15.06 6.84
CA PHE A 50 23.94 15.24 6.23
C PHE A 50 23.77 14.33 5.01
N ALA A 51 24.78 14.30 4.15
CA ALA A 51 24.73 13.47 2.94
C ALA A 51 24.53 12.00 3.27
N LYS A 52 25.19 11.50 4.31
CA LYS A 52 25.04 10.08 4.67
C LYS A 52 23.59 9.73 4.99
N ARG A 53 22.84 10.68 5.57
CA ARG A 53 21.43 10.41 5.85
C ARG A 53 20.62 10.24 4.58
N GLN A 54 21.01 10.91 3.50
CA GLN A 54 20.27 10.84 2.24
C GLN A 54 20.75 9.73 1.33
N GLY A 55 21.71 8.92 1.77
CA GLY A 55 22.31 7.92 0.90
C GLY A 55 23.05 8.50 -0.28
N LYS A 56 23.68 9.66 -0.10
CA LYS A 56 24.36 10.34 -1.19
C LYS A 56 25.70 10.86 -0.68
N GLU A 57 26.62 11.14 -1.60
CA GLU A 57 27.90 11.74 -1.25
C GLU A 57 27.79 13.26 -1.35
N MET A 58 28.52 13.95 -0.47
CA MET A 58 28.25 15.37 -0.25
C MET A 58 28.48 16.24 -1.49
N ASP A 59 29.44 15.86 -2.34
CA ASP A 59 29.67 16.66 -3.55
C ASP A 59 28.49 16.62 -4.51
N SER A 60 27.51 15.73 -4.31
CA SER A 60 26.32 15.67 -5.15
C SER A 60 25.16 16.41 -4.53
N LEU A 61 25.38 17.11 -3.43
CA LEU A 61 24.40 17.98 -2.81
C LEU A 61 24.92 19.41 -2.88
N ARG A 62 24.01 20.35 -2.89
CA ARG A 62 24.34 21.77 -2.88
C ARG A 62 23.93 22.35 -1.54
N PHE A 63 24.91 22.79 -0.76
CA PHE A 63 24.67 23.44 0.52
C PHE A 63 24.88 24.94 0.36
N LEU A 64 23.88 25.72 0.78
CA LEU A 64 23.91 27.17 0.67
C LEU A 64 23.76 27.81 2.03
N TYR A 65 24.59 28.83 2.29
CA TYR A 65 24.46 29.65 3.48
C TYR A 65 24.46 31.10 3.05
N ASP A 66 23.40 31.83 3.43
CA ASP A 66 23.19 33.20 2.99
C ASP A 66 23.28 33.30 1.48
N GLY A 67 22.68 32.32 0.79
CA GLY A 67 22.60 32.33 -0.66
C GLY A 67 23.87 31.94 -1.39
N ILE A 68 24.92 31.57 -0.67
CA ILE A 68 26.22 31.27 -1.26
C ILE A 68 26.57 29.80 -1.03
N ARG A 69 27.07 29.15 -2.07
CA ARG A 69 27.48 27.75 -1.97
C ARG A 69 28.60 27.60 -0.94
N ILE A 70 28.49 26.55 -0.11
CA ILE A 70 29.47 26.29 0.93
C ILE A 70 30.54 25.35 0.37
N GLN A 71 31.81 25.66 0.66
CA GLN A 71 32.92 24.79 0.29
C GLN A 71 33.33 23.93 1.48
N ALA A 72 33.67 22.66 1.20
CA ALA A 72 33.88 21.68 2.27
C ALA A 72 34.97 22.13 3.24
N ASP A 73 36.03 22.75 2.75
CA ASP A 73 37.10 23.13 3.66
C ASP A 73 36.84 24.44 4.41
N GLN A 74 35.69 25.07 4.18
CA GLN A 74 35.32 26.25 4.96
C GLN A 74 34.79 25.82 6.34
N THR A 75 35.11 26.61 7.35
CA THR A 75 34.67 26.32 8.71
C THR A 75 33.59 27.33 9.13
N PRO A 76 32.81 27.04 10.18
CA PRO A 76 31.82 28.04 10.65
C PRO A 76 32.45 29.36 11.06
N GLU A 77 33.66 29.35 11.61
CA GLU A 77 34.35 30.61 11.89
C GLU A 77 34.67 31.35 10.60
N ASP A 78 35.19 30.63 9.60
CA ASP A 78 35.49 31.22 8.30
C ASP A 78 34.28 31.96 7.75
N LEU A 79 33.08 31.41 7.96
CA LEU A 79 31.86 32.01 7.45
C LEU A 79 31.18 32.93 8.45
N ASP A 80 31.78 33.12 9.63
CA ASP A 80 31.20 33.94 10.70
C ASP A 80 29.75 33.52 11.00
N MET A 81 29.52 32.22 11.06
CA MET A 81 28.18 31.72 11.38
C MET A 81 27.87 31.95 12.86
N GLU A 82 26.58 31.99 13.18
CA GLU A 82 26.13 32.15 14.55
C GLU A 82 25.17 31.03 14.92
N ASP A 83 25.03 30.82 16.23
CA ASP A 83 24.14 29.80 16.78
C ASP A 83 22.75 29.90 16.15
N ASN A 84 22.21 28.75 15.75
CA ASN A 84 20.88 28.58 15.17
C ASN A 84 20.75 29.16 13.76
N ASP A 85 21.86 29.50 13.11
CA ASP A 85 21.81 29.82 11.70
C ASP A 85 21.32 28.62 10.88
N ILE A 86 20.93 28.89 9.65
CA ILE A 86 20.32 27.89 8.79
C ILE A 86 21.18 27.69 7.56
N ILE A 87 21.35 26.44 7.17
CA ILE A 87 21.98 26.04 5.91
C ILE A 87 20.89 25.40 5.06
N GLU A 88 20.80 25.83 3.79
CA GLU A 88 19.83 25.23 2.87
C GLU A 88 20.53 24.13 2.09
N ALA A 89 19.98 22.92 2.14
CA ALA A 89 20.55 21.78 1.44
C ALA A 89 19.64 21.40 0.29
N HIS A 90 20.21 21.22 -0.89
CA HIS A 90 19.46 20.83 -2.09
C HIS A 90 20.04 19.51 -2.58
N ARG A 91 19.27 18.44 -2.47
CA ARG A 91 19.68 17.13 -2.97
C ARG A 91 19.07 16.78 -4.32
N GLU A 92 18.08 17.52 -4.80
CA GLU A 92 17.47 17.15 -6.08
C GLU A 92 18.14 17.89 -7.23
N GLN A 93 17.74 17.54 -8.46
CA GLN A 93 18.57 17.85 -9.62
C GLN A 93 18.33 19.23 -10.22
N ILE A 94 17.15 19.80 -10.05
CA ILE A 94 16.83 21.09 -10.69
C ILE A 94 17.34 22.23 -9.83
N GLY A 95 18.07 23.15 -10.45
CA GLY A 95 18.46 24.36 -9.74
C GLY A 95 17.48 25.44 -10.09
N GLY A 96 16.79 25.98 -9.09
CA GLY A 96 15.80 26.99 -9.42
C GLY A 96 14.54 26.35 -9.98
N SER A 97 13.72 25.81 -9.09
CA SER A 97 12.45 25.22 -9.48
C SER A 97 11.34 26.26 -9.41
N THR A 98 10.14 25.85 -9.81
CA THR A 98 8.98 26.72 -9.79
C THR A 98 7.81 25.94 -9.21
N VAL A 99 6.98 26.62 -8.41
CA VAL A 99 5.80 26.01 -7.81
C VAL A 99 4.61 26.36 -8.68
N VAL A 100 3.93 25.32 -9.17
CA VAL A 100 2.78 25.46 -10.05
C VAL A 100 1.52 25.31 -9.21
N THR A 101 0.59 26.26 -9.34
CA THR A 101 -0.73 26.13 -8.74
C THR A 101 -1.74 25.91 -9.85
N THR A 102 -2.46 24.78 -9.79
CA THR A 102 -3.40 24.43 -10.84
C THR A 102 -4.78 25.00 -10.54
N GLU A 103 -5.69 24.79 -11.50
CA GLU A 103 -7.06 25.26 -11.35
C GLU A 103 -7.76 24.64 -10.16
N SER A 104 -7.31 23.47 -9.70
CA SER A 104 -7.95 22.82 -8.54
C SER A 104 -7.46 23.38 -7.21
N GLY A 105 -6.42 24.22 -7.21
CA GLY A 105 -5.75 24.61 -5.99
C GLY A 105 -4.60 23.71 -5.60
N LEU A 106 -4.41 22.59 -6.28
CA LEU A 106 -3.24 21.77 -6.08
C LEU A 106 -1.99 22.59 -6.38
N LYS A 107 -0.97 22.43 -5.54
CA LYS A 107 0.35 22.98 -5.83
C LYS A 107 1.31 21.83 -6.05
N TYR A 108 2.18 21.97 -7.03
CA TYR A 108 3.23 20.98 -7.21
C TYR A 108 4.49 21.67 -7.65
N GLU A 109 5.62 21.05 -7.32
CA GLU A 109 6.94 21.59 -7.64
C GLU A 109 7.82 20.44 -8.11
N ASP A 110 8.26 20.50 -9.35
CA ASP A 110 9.19 19.49 -9.83
C ASP A 110 10.58 19.77 -9.29
N LEU A 111 11.12 18.84 -8.50
CA LEU A 111 12.46 18.97 -7.94
C LEU A 111 13.53 18.26 -8.75
N THR A 112 13.16 17.13 -9.36
CA THR A 112 13.94 16.39 -10.36
C THR A 112 13.00 16.06 -11.51
N GLU A 113 13.47 16.25 -12.74
CA GLU A 113 12.59 16.11 -13.90
C GLU A 113 12.31 14.65 -14.22
N GLY A 114 13.29 13.77 -14.05
CA GLY A 114 13.15 12.41 -14.54
C GLY A 114 13.33 12.33 -16.05
N SER A 115 13.13 11.12 -16.56
N SER A 115 13.14 11.12 -16.56
N SER A 115 13.13 11.12 -16.56
CA SER A 115 13.32 10.86 -17.98
CA SER A 115 13.35 10.84 -17.97
CA SER A 115 13.35 10.84 -17.97
C SER A 115 12.43 9.71 -18.40
C SER A 115 12.44 9.70 -18.40
C SER A 115 12.44 9.70 -18.40
N GLY A 116 12.16 9.64 -19.70
CA GLY A 116 11.34 8.57 -20.25
C GLY A 116 9.87 8.89 -20.39
N ALA A 117 9.04 7.85 -20.37
CA ALA A 117 7.60 8.04 -20.53
C ALA A 117 7.03 8.81 -19.34
N GLU A 118 5.95 9.56 -19.62
CA GLU A 118 5.20 10.29 -18.61
C GLU A 118 4.00 9.46 -18.16
N ALA A 119 3.80 9.39 -16.85
CA ALA A 119 2.65 8.65 -16.32
C ALA A 119 1.37 9.31 -16.78
N ARG A 120 0.41 8.50 -17.25
CA ARG A 120 -0.90 9.00 -17.62
C ARG A 120 -1.97 8.14 -16.96
N ALA A 121 -3.19 8.66 -16.91
CA ALA A 121 -4.30 7.97 -16.26
C ALA A 121 -4.52 6.59 -16.86
N GLY A 122 -4.81 5.63 -15.99
CA GLY A 122 -5.00 4.25 -16.37
C GLY A 122 -3.77 3.38 -16.21
N GLN A 123 -2.59 3.99 -16.14
CA GLN A 123 -1.37 3.23 -15.89
C GLN A 123 -1.20 2.98 -14.40
N THR A 124 -0.61 1.85 -14.07
CA THR A 124 -0.16 1.57 -12.70
C THR A 124 1.23 2.18 -12.51
N VAL A 125 1.37 3.04 -11.54
CA VAL A 125 2.64 3.69 -11.24
C VAL A 125 3.12 3.21 -9.89
N SER A 126 4.45 3.15 -9.70
CA SER A 126 5.05 2.80 -8.43
C SER A 126 5.92 3.97 -7.96
N VAL A 127 5.75 4.41 -6.71
CA VAL A 127 6.41 5.60 -6.19
C VAL A 127 7.01 5.31 -4.82
N HIS A 128 7.96 6.15 -4.43
CA HIS A 128 8.29 6.35 -3.02
C HIS A 128 7.73 7.69 -2.60
N TYR A 129 7.26 7.80 -1.36
CA TYR A 129 6.71 9.07 -0.89
C TYR A 129 6.97 9.23 0.59
N THR A 130 6.94 10.49 1.02
CA THR A 130 6.78 10.87 2.41
C THR A 130 5.72 11.94 2.46
N GLY A 131 4.83 11.85 3.44
CA GLY A 131 3.78 12.84 3.65
C GLY A 131 3.98 13.50 5.00
N TRP A 132 3.80 14.83 5.03
CA TRP A 132 3.92 15.65 6.24
C TRP A 132 2.72 16.57 6.37
N LEU A 133 2.35 16.87 7.60
CA LEU A 133 1.46 18.00 7.84
C LEU A 133 2.26 19.29 7.70
N THR A 134 1.54 20.41 7.63
CA THR A 134 2.25 21.67 7.36
C THR A 134 3.06 22.14 8.56
N ASP A 135 2.78 21.63 9.76
CA ASP A 135 3.65 21.96 10.90
C ASP A 135 4.94 21.15 10.90
N GLY A 136 5.16 20.30 9.90
CA GLY A 136 6.38 19.52 9.83
C GLY A 136 6.28 18.09 10.32
N GLN A 137 5.18 17.72 11.00
CA GLN A 137 5.02 16.35 11.48
C GLN A 137 4.86 15.39 10.31
N LYS A 138 5.72 14.38 10.24
CA LYS A 138 5.56 13.31 9.26
C LYS A 138 4.38 12.42 9.66
N PHE A 139 3.50 12.08 8.71
CA PHE A 139 2.47 11.08 9.04
C PHE A 139 2.63 9.73 8.35
N ASP A 140 3.41 9.64 7.27
CA ASP A 140 3.65 8.34 6.66
C ASP A 140 4.79 8.50 5.66
N SER A 141 5.47 7.39 5.40
CA SER A 141 6.51 7.32 4.38
C SER A 141 6.67 5.89 3.91
N SER A 142 6.62 5.70 2.59
CA SER A 142 6.93 4.40 2.02
C SER A 142 8.39 4.03 2.28
N LYS A 143 9.27 5.01 2.39
CA LYS A 143 10.68 4.71 2.67
C LYS A 143 10.88 4.14 4.07
N ASP A 144 10.03 4.51 5.03
CA ASP A 144 10.16 3.97 6.37
C ASP A 144 9.82 2.48 6.40
N ARG A 145 9.14 1.97 5.37
CA ARG A 145 8.95 0.54 5.19
CA ARG A 145 8.95 0.54 5.19
C ARG A 145 9.89 -0.04 4.15
N ASN A 146 10.72 0.80 3.53
CA ASN A 146 11.54 0.41 2.39
C ASN A 146 10.70 -0.36 1.38
N ASP A 147 9.53 0.18 1.08
CA ASP A 147 8.60 -0.50 0.20
C ASP A 147 7.85 0.50 -0.66
N PRO A 148 8.10 0.51 -1.97
CA PRO A 148 7.36 1.41 -2.85
C PRO A 148 5.86 1.14 -2.78
N PHE A 149 5.12 2.17 -3.15
CA PHE A 149 3.66 2.19 -3.16
C PHE A 149 3.18 2.30 -4.60
N ALA A 150 2.27 1.43 -5.01
CA ALA A 150 1.74 1.49 -6.38
C ALA A 150 0.23 1.67 -6.36
N PHE A 151 -0.29 2.25 -7.44
CA PHE A 151 -1.73 2.48 -7.57
C PHE A 151 -2.02 2.72 -9.04
N VAL A 152 -3.28 2.55 -9.43
CA VAL A 152 -3.69 2.82 -10.80
C VAL A 152 -4.00 4.31 -10.89
N LEU A 153 -3.15 5.03 -11.62
CA LEU A 153 -3.28 6.48 -11.73
C LEU A 153 -4.62 6.87 -12.35
N GLY A 154 -5.29 7.83 -11.72
CA GLY A 154 -6.58 8.28 -12.20
C GLY A 154 -7.74 7.39 -11.86
N GLY A 155 -7.53 6.34 -11.07
CA GLY A 155 -8.61 5.41 -10.78
C GLY A 155 -9.42 5.71 -9.53
N GLY A 156 -9.17 6.86 -8.89
CA GLY A 156 -9.89 7.18 -7.67
C GLY A 156 -9.54 6.30 -6.48
N MET A 157 -8.40 5.64 -6.52
CA MET A 157 -7.97 4.75 -5.43
C MET A 157 -7.09 5.46 -4.42
N VAL A 158 -6.72 6.71 -4.68
CA VAL A 158 -5.96 7.53 -3.77
C VAL A 158 -6.66 8.88 -3.69
N ILE A 159 -6.19 9.73 -2.77
CA ILE A 159 -6.80 11.04 -2.64
C ILE A 159 -6.67 11.80 -3.96
N LYS A 160 -7.62 12.71 -4.20
CA LYS A 160 -7.72 13.37 -5.50
C LYS A 160 -6.46 14.15 -5.83
N GLY A 161 -5.82 14.76 -4.83
CA GLY A 161 -4.60 15.50 -5.10
C GLY A 161 -3.50 14.64 -5.68
N TRP A 162 -3.50 13.34 -5.38
CA TRP A 162 -2.50 12.42 -5.96
C TRP A 162 -2.86 11.99 -7.38
N ASP A 163 -4.14 11.69 -7.64
CA ASP A 163 -4.56 11.35 -8.99
C ASP A 163 -4.25 12.50 -9.95
N GLU A 164 -4.38 13.75 -9.47
CA GLU A 164 -4.00 14.89 -10.30
C GLU A 164 -2.48 15.09 -10.34
N GLY A 165 -1.85 15.07 -9.17
CA GLY A 165 -0.46 15.51 -9.05
C GLY A 165 0.58 14.53 -9.58
N VAL A 166 0.27 13.24 -9.62
CA VAL A 166 1.26 12.30 -10.14
C VAL A 166 1.21 12.22 -11.67
N GLN A 167 0.11 12.62 -12.31
CA GLN A 167 0.06 12.66 -13.77
C GLN A 167 1.15 13.55 -14.35
N GLY A 168 1.79 13.08 -15.43
CA GLY A 168 2.87 13.82 -16.05
C GLY A 168 4.27 13.55 -15.49
N MET A 169 4.37 12.88 -14.35
CA MET A 169 5.70 12.53 -13.83
C MET A 169 6.39 11.49 -14.71
N LYS A 170 7.73 11.54 -14.71
CA LYS A 170 8.61 10.60 -15.38
C LYS A 170 9.48 9.90 -14.33
N VAL A 171 9.96 8.71 -14.68
CA VAL A 171 10.77 7.90 -13.77
C VAL A 171 12.02 8.67 -13.38
N GLY A 172 12.36 8.60 -12.08
CA GLY A 172 13.40 9.43 -11.49
C GLY A 172 12.91 10.79 -11.05
N GLY A 173 11.75 11.23 -11.54
CA GLY A 173 11.27 12.54 -11.19
C GLY A 173 10.85 12.58 -9.73
N VAL A 174 11.12 13.71 -9.08
CA VAL A 174 10.72 13.96 -7.71
C VAL A 174 9.86 15.22 -7.74
N ARG A 175 8.65 15.10 -7.22
CA ARG A 175 7.67 16.17 -7.28
C ARG A 175 7.08 16.36 -5.88
N ARG A 176 7.09 17.60 -5.39
CA ARG A 176 6.52 17.93 -4.08
C ARG A 176 5.09 18.42 -4.28
N LEU A 177 4.12 17.74 -3.67
CA LEU A 177 2.72 18.10 -3.77
C LEU A 177 2.29 18.83 -2.50
N THR A 178 1.58 19.95 -2.65
CA THR A 178 0.93 20.58 -1.51
C THR A 178 -0.56 20.53 -1.78
N ILE A 179 -1.28 19.75 -0.99
CA ILE A 179 -2.63 19.33 -1.35
C ILE A 179 -3.62 20.00 -0.41
N PRO A 180 -4.56 20.80 -0.90
CA PRO A 180 -5.59 21.37 -0.01
C PRO A 180 -6.49 20.27 0.52
N PRO A 181 -7.12 20.46 1.68
CA PRO A 181 -7.86 19.33 2.30
C PRO A 181 -8.97 18.77 1.43
N GLN A 182 -9.59 19.61 0.60
CA GLN A 182 -10.68 19.16 -0.28
C GLN A 182 -10.20 18.19 -1.34
N LEU A 183 -8.90 18.17 -1.63
CA LEU A 183 -8.28 17.17 -2.46
C LEU A 183 -7.55 16.13 -1.65
N GLY A 184 -7.74 16.13 -0.33
CA GLY A 184 -7.16 15.12 0.52
C GLY A 184 -8.21 14.37 1.30
N TYR A 185 -8.15 14.44 2.64
CA TYR A 185 -9.15 13.80 3.48
C TYR A 185 -10.21 14.76 3.99
N GLY A 186 -10.19 16.02 3.56
CA GLY A 186 -11.27 16.94 3.88
C GLY A 186 -11.51 17.07 5.37
N ALA A 187 -12.78 17.29 5.71
CA ALA A 187 -13.14 17.51 7.10
C ALA A 187 -13.05 16.22 7.91
N ARG A 188 -12.94 15.07 7.25
CA ARG A 188 -12.93 13.80 7.96
C ARG A 188 -11.57 13.54 8.62
N GLY A 189 -10.48 13.92 7.97
CA GLY A 189 -9.15 13.50 8.42
C GLY A 189 -8.98 11.99 8.20
N ALA A 190 -7.88 11.47 8.75
CA ALA A 190 -7.58 10.07 8.54
C ALA A 190 -6.82 9.49 9.71
N GLY A 191 -7.29 8.34 10.21
CA GLY A 191 -6.55 7.48 11.11
C GLY A 191 -6.23 8.04 12.48
N GLY A 192 -6.85 9.14 12.88
CA GLY A 192 -6.46 9.80 14.10
C GLY A 192 -5.09 10.44 14.02
N VAL A 193 -4.56 10.58 12.81
N VAL A 193 -4.54 10.59 12.81
CA VAL A 193 -3.21 11.09 12.58
CA VAL A 193 -3.21 11.13 12.62
C VAL A 193 -3.24 12.35 11.72
C VAL A 193 -3.21 12.35 11.70
N ILE A 194 -4.06 12.34 10.67
CA ILE A 194 -4.28 13.51 9.84
C ILE A 194 -5.52 14.24 10.37
N PRO A 195 -5.40 15.46 10.85
CA PRO A 195 -6.55 16.14 11.47
C PRO A 195 -7.55 16.59 10.42
N PRO A 196 -8.75 16.98 10.84
CA PRO A 196 -9.71 17.59 9.92
C PRO A 196 -9.11 18.78 9.18
N ASN A 197 -9.42 18.87 7.89
N ASN A 197 -9.38 18.84 7.87
CA ASN A 197 -9.08 20.04 7.08
CA ASN A 197 -9.09 20.01 7.06
C ASN A 197 -7.58 20.30 7.04
C ASN A 197 -7.59 20.30 6.99
N ALA A 198 -6.79 19.23 7.00
CA ALA A 198 -5.34 19.36 6.93
C ALA A 198 -4.88 19.53 5.47
N THR A 199 -4.08 20.57 5.24
CA THR A 199 -3.26 20.63 4.04
C THR A 199 -2.16 19.57 4.12
N LEU A 200 -1.92 18.87 3.02
CA LEU A 200 -0.99 17.75 3.05
C LEU A 200 0.17 18.05 2.11
N VAL A 201 1.37 17.74 2.57
CA VAL A 201 2.58 17.92 1.76
C VAL A 201 3.16 16.53 1.52
N PHE A 202 3.34 16.16 0.24
CA PHE A 202 4.00 14.91 -0.10
C PHE A 202 5.21 15.20 -0.98
N GLU A 203 6.31 14.52 -0.72
CA GLU A 203 7.38 14.39 -1.69
C GLU A 203 7.25 13.02 -2.37
N VAL A 204 7.09 13.02 -3.70
CA VAL A 204 6.82 11.81 -4.47
C VAL A 204 7.96 11.59 -5.46
N GLU A 205 8.54 10.39 -5.46
CA GLU A 205 9.49 9.96 -6.47
C GLU A 205 8.85 8.86 -7.33
N LEU A 206 8.73 9.10 -8.63
CA LEU A 206 8.18 8.08 -9.52
C LEU A 206 9.27 7.07 -9.85
N LEU A 207 9.05 5.81 -9.49
CA LEU A 207 10.05 4.76 -9.69
C LEU A 207 9.81 3.92 -10.93
N ASP A 208 8.54 3.70 -11.31
CA ASP A 208 8.25 2.80 -12.41
C ASP A 208 6.88 3.15 -12.98
N VAL A 209 6.75 3.04 -14.29
CA VAL A 209 5.46 3.16 -14.94
C VAL A 209 5.48 2.31 -16.23
N GLU B 19 -42.92 -24.36 -17.77
CA GLU B 19 -41.83 -24.25 -16.80
C GLU B 19 -40.53 -24.77 -17.38
N THR B 20 -39.96 -24.02 -18.32
CA THR B 20 -38.78 -24.49 -19.04
C THR B 20 -37.46 -24.02 -18.42
N HIS B 21 -37.51 -22.99 -17.60
CA HIS B 21 -36.32 -22.46 -16.95
C HIS B 21 -36.49 -22.56 -15.44
N ILE B 22 -35.36 -22.47 -14.74
CA ILE B 22 -35.33 -22.69 -13.30
C ILE B 22 -34.40 -21.67 -12.67
N ASN B 23 -34.77 -21.18 -11.50
CA ASN B 23 -33.91 -20.31 -10.71
C ASN B 23 -33.25 -21.15 -9.61
N LEU B 24 -31.94 -21.00 -9.47
CA LEU B 24 -31.16 -21.76 -8.50
C LEU B 24 -30.26 -20.80 -7.75
N LYS B 25 -30.22 -20.94 -6.43
CA LYS B 25 -29.30 -20.18 -5.59
C LYS B 25 -28.08 -21.04 -5.28
N VAL B 26 -26.89 -20.52 -5.56
CA VAL B 26 -25.66 -21.11 -5.08
C VAL B 26 -25.24 -20.34 -3.84
N SER B 27 -25.15 -21.04 -2.71
CA SER B 27 -24.70 -20.46 -1.46
C SER B 27 -23.42 -21.17 -1.02
N ASP B 28 -22.39 -20.38 -0.73
CA ASP B 28 -21.19 -20.91 -0.12
C ASP B 28 -21.17 -20.66 1.39
N GLY B 29 -22.30 -20.28 1.97
CA GLY B 29 -22.39 -20.00 3.39
C GLY B 29 -22.33 -18.53 3.75
N SER B 30 -21.90 -17.67 2.84
CA SER B 30 -21.86 -16.23 3.10
C SER B 30 -22.37 -15.37 1.96
N SER B 31 -22.50 -15.88 0.75
CA SER B 31 -23.01 -15.13 -0.39
C SER B 31 -24.02 -15.98 -1.16
N GLU B 32 -25.21 -15.42 -1.37
CA GLU B 32 -26.26 -16.06 -2.14
C GLU B 32 -26.33 -15.40 -3.51
N ILE B 33 -26.09 -16.20 -4.56
CA ILE B 33 -26.09 -15.71 -5.94
C ILE B 33 -27.07 -16.54 -6.73
N PHE B 34 -27.98 -15.88 -7.45
CA PHE B 34 -29.05 -16.55 -8.15
C PHE B 34 -28.70 -16.73 -9.62
N PHE B 35 -29.00 -17.92 -10.14
CA PHE B 35 -28.84 -18.23 -11.56
C PHE B 35 -30.17 -18.64 -12.14
N LYS B 36 -30.46 -18.14 -13.34
CA LYS B 36 -31.57 -18.65 -14.14
C LYS B 36 -30.99 -19.36 -15.35
N ILE B 37 -31.30 -20.65 -15.49
CA ILE B 37 -30.84 -21.45 -16.62
C ILE B 37 -32.00 -22.30 -17.15
N LYS B 38 -31.80 -22.90 -18.31
CA LYS B 38 -32.74 -23.87 -18.82
C LYS B 38 -32.56 -25.19 -18.08
N LYS B 39 -33.66 -25.88 -17.82
CA LYS B 39 -33.60 -27.13 -17.09
C LYS B 39 -32.78 -28.19 -17.81
N THR B 40 -32.60 -28.07 -19.12
CA THR B 40 -31.83 -29.03 -19.90
C THR B 40 -30.37 -28.62 -20.07
N THR B 41 -29.95 -27.49 -19.47
CA THR B 41 -28.59 -26.96 -19.57
C THR B 41 -27.69 -27.65 -18.54
N PRO B 42 -26.47 -28.05 -18.95
CA PRO B 42 -25.54 -28.64 -17.98
C PRO B 42 -25.18 -27.65 -16.87
N LEU B 43 -25.17 -28.16 -15.63
CA LEU B 43 -24.83 -27.33 -14.48
C LEU B 43 -23.41 -26.81 -14.54
N ARG B 44 -22.57 -27.37 -15.42
CA ARG B 44 -21.24 -26.81 -15.67
C ARG B 44 -21.32 -25.31 -15.89
N ARG B 45 -22.25 -24.86 -16.75
CA ARG B 45 -22.40 -23.43 -17.04
C ARG B 45 -22.62 -22.64 -15.76
N LEU B 46 -23.52 -23.12 -14.90
CA LEU B 46 -23.74 -22.47 -13.61
C LEU B 46 -22.48 -22.52 -12.76
N MET B 47 -21.87 -23.70 -12.65
CA MET B 47 -20.68 -23.88 -11.82
C MET B 47 -19.56 -22.96 -12.27
N GLU B 48 -19.29 -22.91 -13.57
CA GLU B 48 -18.24 -22.03 -14.06
C GLU B 48 -18.62 -20.56 -13.84
N ALA B 49 -19.87 -20.21 -14.12
CA ALA B 49 -20.31 -18.82 -13.93
C ALA B 49 -20.12 -18.38 -12.49
N PHE B 50 -20.42 -19.27 -11.54
CA PHE B 50 -20.19 -18.97 -10.13
C PHE B 50 -18.70 -18.84 -9.84
N ALA B 51 -17.93 -19.90 -10.12
CA ALA B 51 -16.51 -19.90 -9.77
C ALA B 51 -15.75 -18.75 -10.43
N LYS B 52 -16.24 -18.26 -11.58
CA LYS B 52 -15.55 -17.18 -12.27
C LYS B 52 -15.72 -15.85 -11.54
N ARG B 53 -16.80 -15.68 -10.78
CA ARG B 53 -16.94 -14.45 -9.99
C ARG B 53 -15.87 -14.34 -8.92
N GLN B 54 -15.45 -15.47 -8.35
CA GLN B 54 -14.35 -15.47 -7.40
C GLN B 54 -13.01 -15.59 -8.12
N GLU B 57 -10.90 -21.34 -9.44
CA GLU B 57 -10.69 -22.51 -10.29
C GLU B 57 -11.74 -23.59 -10.01
N MET B 58 -12.20 -24.24 -11.08
CA MET B 58 -13.25 -25.25 -10.96
C MET B 58 -12.81 -26.43 -10.10
N ASP B 59 -11.56 -26.87 -10.26
CA ASP B 59 -11.08 -28.01 -9.49
C ASP B 59 -11.06 -27.74 -7.99
N SER B 60 -10.95 -26.47 -7.60
CA SER B 60 -10.87 -26.14 -6.18
C SER B 60 -12.23 -26.21 -5.48
N LEU B 61 -13.33 -26.30 -6.23
CA LEU B 61 -14.67 -26.17 -5.69
C LEU B 61 -15.43 -27.49 -5.73
N ARG B 62 -16.37 -27.62 -4.81
CA ARG B 62 -17.33 -28.71 -4.80
C ARG B 62 -18.72 -28.12 -4.68
N PHE B 63 -19.65 -28.61 -5.50
CA PHE B 63 -21.04 -28.21 -5.46
C PHE B 63 -21.88 -29.40 -5.06
N LEU B 64 -22.76 -29.22 -4.08
CA LEU B 64 -23.61 -30.29 -3.60
C LEU B 64 -25.06 -29.88 -3.71
N TYR B 65 -25.91 -30.85 -4.06
CA TYR B 65 -27.35 -30.66 -4.09
C TYR B 65 -28.00 -31.83 -3.37
N ASP B 66 -28.74 -31.53 -2.30
CA ASP B 66 -29.40 -32.54 -1.48
C ASP B 66 -28.37 -33.54 -0.96
N GLY B 67 -27.18 -33.04 -0.62
CA GLY B 67 -26.13 -33.86 -0.04
C GLY B 67 -25.32 -34.68 -1.02
N ILE B 68 -25.55 -34.54 -2.32
CA ILE B 68 -24.83 -35.31 -3.33
C ILE B 68 -24.04 -34.35 -4.21
N ARG B 69 -22.79 -34.69 -4.48
CA ARG B 69 -21.94 -33.83 -5.30
C ARG B 69 -22.48 -33.76 -6.72
N ILE B 70 -22.57 -32.54 -7.24
CA ILE B 70 -23.06 -32.34 -8.60
C ILE B 70 -21.94 -32.65 -9.59
N GLN B 71 -22.27 -33.42 -10.63
CA GLN B 71 -21.36 -33.64 -11.74
C GLN B 71 -21.65 -32.65 -12.86
N ALA B 72 -20.59 -32.19 -13.52
CA ALA B 72 -20.70 -31.02 -14.40
C ALA B 72 -21.63 -31.27 -15.58
N ASP B 73 -21.78 -32.52 -16.02
CA ASP B 73 -22.64 -32.78 -17.16
C ASP B 73 -24.11 -32.93 -16.79
N GLN B 74 -24.44 -32.97 -15.51
CA GLN B 74 -25.83 -33.14 -15.09
C GLN B 74 -26.62 -31.85 -15.24
N THR B 75 -27.88 -31.98 -15.64
CA THR B 75 -28.77 -30.84 -15.77
C THR B 75 -29.72 -30.76 -14.59
N PRO B 76 -30.37 -29.62 -14.37
CA PRO B 76 -31.44 -29.59 -13.36
C PRO B 76 -32.52 -30.62 -13.63
N GLU B 77 -32.81 -30.90 -14.89
CA GLU B 77 -33.77 -31.96 -15.20
C GLU B 77 -33.26 -33.31 -14.70
N ASP B 78 -31.99 -33.62 -14.98
CA ASP B 78 -31.40 -34.88 -14.51
C ASP B 78 -31.59 -35.07 -13.02
N LEU B 79 -31.47 -34.00 -12.24
CA LEU B 79 -31.49 -34.09 -10.79
C LEU B 79 -32.84 -33.71 -10.20
N ASP B 80 -33.87 -33.59 -11.03
CA ASP B 80 -35.22 -33.23 -10.60
C ASP B 80 -35.21 -32.04 -9.65
N MET B 81 -34.50 -30.99 -10.06
CA MET B 81 -34.41 -29.76 -9.28
C MET B 81 -35.70 -28.96 -9.43
N GLU B 82 -36.01 -28.19 -8.39
CA GLU B 82 -37.20 -27.35 -8.37
C GLU B 82 -36.78 -25.89 -8.25
N ASP B 83 -37.71 -25.01 -8.65
CA ASP B 83 -37.41 -23.58 -8.65
C ASP B 83 -36.99 -23.11 -7.26
N ASN B 84 -35.92 -22.32 -7.22
CA ASN B 84 -35.33 -21.75 -6.01
C ASN B 84 -34.69 -22.79 -5.11
N ASP B 85 -34.40 -23.98 -5.63
CA ASP B 85 -33.56 -24.92 -4.91
C ASP B 85 -32.18 -24.32 -4.66
N ILE B 86 -31.50 -24.84 -3.65
CA ILE B 86 -30.21 -24.33 -3.22
C ILE B 86 -29.12 -25.32 -3.59
N ILE B 87 -28.03 -24.81 -4.13
CA ILE B 87 -26.81 -25.57 -4.37
C ILE B 87 -25.76 -25.08 -3.38
N GLU B 88 -25.20 -25.99 -2.61
CA GLU B 88 -24.21 -25.65 -1.61
C GLU B 88 -22.83 -25.79 -2.22
N ALA B 89 -22.06 -24.71 -2.22
CA ALA B 89 -20.69 -24.70 -2.70
C ALA B 89 -19.74 -24.54 -1.52
N HIS B 90 -18.61 -25.24 -1.58
CA HIS B 90 -17.56 -25.03 -0.60
C HIS B 90 -16.21 -25.33 -1.22
N ARG B 91 -15.17 -24.75 -0.63
CA ARG B 91 -13.80 -24.96 -1.07
C ARG B 91 -13.28 -26.32 -0.60
N GLU B 92 -12.30 -26.84 -1.33
CA GLU B 92 -11.65 -28.08 -0.94
C GLU B 92 -10.40 -28.33 -1.78
N GLN B 93 -9.24 -28.40 -1.14
CA GLN B 93 -8.05 -28.89 -1.83
C GLN B 93 -8.19 -30.38 -2.11
N ILE B 94 -7.41 -30.86 -3.08
CA ILE B 94 -7.45 -32.28 -3.44
C ILE B 94 -6.89 -33.10 -2.30
N GLY B 95 -7.66 -34.09 -1.85
CA GLY B 95 -7.29 -34.88 -0.71
C GLY B 95 -7.75 -34.32 0.62
N GLY B 96 -8.17 -33.06 0.65
CA GLY B 96 -8.68 -32.47 1.87
C GLY B 96 -7.90 -31.26 2.35
N SER B 97 -8.62 -30.25 2.81
CA SER B 97 -8.03 -29.05 3.40
C SER B 97 -7.91 -29.22 4.91
N THR B 98 -6.87 -28.62 5.48
CA THR B 98 -6.68 -28.58 6.92
C THR B 98 -6.81 -27.13 7.38
N VAL B 99 -7.93 -26.80 8.04
CA VAL B 99 -8.18 -25.46 8.54
C VAL B 99 -7.87 -25.44 10.04
N VAL B 100 -6.94 -24.57 10.43
CA VAL B 100 -6.52 -24.41 11.82
C VAL B 100 -7.23 -23.21 12.43
N THR B 101 -7.80 -23.38 13.60
CA THR B 101 -8.36 -22.28 14.37
C THR B 101 -7.51 -22.08 15.62
N THR B 102 -6.90 -20.90 15.74
CA THR B 102 -6.07 -20.57 16.89
C THR B 102 -6.94 -20.08 18.04
N GLU B 103 -6.31 -19.89 19.20
CA GLU B 103 -7.03 -19.44 20.40
C GLU B 103 -7.63 -18.05 20.23
N SER B 104 -7.05 -17.20 19.39
CA SER B 104 -7.59 -15.88 19.14
C SER B 104 -8.81 -15.88 18.23
N GLY B 105 -9.13 -17.00 17.60
CA GLY B 105 -10.21 -17.05 16.63
C GLY B 105 -9.75 -16.96 15.19
N LEU B 106 -8.48 -16.65 14.96
CA LEU B 106 -7.97 -16.66 13.59
C LEU B 106 -8.10 -18.06 13.01
N LYS B 107 -8.43 -18.15 11.72
CA LYS B 107 -8.39 -19.40 10.99
C LYS B 107 -7.37 -19.27 9.88
N TYR B 108 -6.60 -20.32 9.64
CA TYR B 108 -5.68 -20.29 8.51
C TYR B 108 -5.57 -21.67 7.88
N GLU B 109 -5.23 -21.66 6.58
CA GLU B 109 -5.12 -22.87 5.79
C GLU B 109 -3.97 -22.68 4.82
N ASP B 110 -3.01 -23.59 4.85
CA ASP B 110 -1.88 -23.53 3.92
C ASP B 110 -2.31 -24.13 2.58
N LEU B 111 -2.48 -23.27 1.59
CA LEU B 111 -2.78 -23.75 0.23
C LEU B 111 -1.54 -24.34 -0.41
N THR B 112 -0.40 -23.69 -0.22
CA THR B 112 0.92 -24.23 -0.58
C THR B 112 1.84 -24.03 0.61
N GLU B 113 2.48 -25.10 1.06
CA GLU B 113 3.50 -24.95 2.10
C GLU B 113 4.80 -24.51 1.44
N GLY B 114 5.35 -23.37 1.86
CA GLY B 114 6.60 -22.91 1.28
C GLY B 114 7.73 -23.83 1.66
N SER B 115 8.76 -23.89 0.81
CA SER B 115 9.96 -24.64 1.17
C SER B 115 11.17 -23.74 1.40
N GLY B 116 11.00 -22.42 1.32
CA GLY B 116 12.07 -21.48 1.57
C GLY B 116 12.19 -21.04 3.01
N ALA B 117 12.73 -19.83 3.19
CA ALA B 117 13.03 -19.31 4.52
C ALA B 117 11.74 -18.99 5.29
N GLU B 118 11.82 -19.15 6.61
CA GLU B 118 10.66 -18.97 7.49
C GLU B 118 10.51 -17.53 7.93
N ALA B 119 9.26 -17.03 7.91
CA ALA B 119 8.94 -15.71 8.40
C ALA B 119 8.91 -15.71 9.92
N ARG B 120 9.65 -14.79 10.53
CA ARG B 120 9.78 -14.69 11.98
C ARG B 120 9.50 -13.26 12.45
N ALA B 121 9.00 -13.14 13.68
CA ALA B 121 8.66 -11.84 14.24
C ALA B 121 9.86 -10.91 14.20
N GLY B 122 9.62 -9.68 13.80
CA GLY B 122 10.67 -8.68 13.71
C GLY B 122 11.26 -8.50 12.34
N GLN B 123 11.19 -9.53 11.48
CA GLN B 123 11.62 -9.36 10.11
C GLN B 123 10.68 -8.40 9.37
N THR B 124 11.22 -7.70 8.40
CA THR B 124 10.41 -6.99 7.42
C THR B 124 10.16 -7.95 6.26
N VAL B 125 8.91 -8.40 6.11
CA VAL B 125 8.59 -9.44 5.14
C VAL B 125 7.82 -8.81 3.98
N SER B 126 7.87 -9.49 2.85
CA SER B 126 7.25 -9.00 1.62
C SER B 126 6.32 -10.07 1.09
N VAL B 127 5.07 -9.68 0.79
CA VAL B 127 4.05 -10.62 0.36
C VAL B 127 3.28 -10.06 -0.83
N HIS B 128 2.59 -10.96 -1.55
CA HIS B 128 1.43 -10.57 -2.35
C HIS B 128 0.19 -11.06 -1.63
N TYR B 129 -0.92 -10.35 -1.82
CA TYR B 129 -2.16 -10.73 -1.15
C TYR B 129 -3.36 -10.31 -1.98
N THR B 130 -4.47 -10.98 -1.72
CA THR B 130 -5.78 -10.54 -2.16
C THR B 130 -6.69 -10.61 -0.94
N GLY B 131 -7.53 -9.59 -0.75
CA GLY B 131 -8.48 -9.57 0.35
C GLY B 131 -9.92 -9.54 -0.14
N TRP B 132 -10.78 -10.37 0.44
CA TRP B 132 -12.19 -10.40 0.08
C TRP B 132 -13.04 -10.27 1.33
N LEU B 133 -14.23 -9.69 1.17
CA LEU B 133 -15.25 -9.86 2.18
C LEU B 133 -15.85 -11.26 2.08
N THR B 134 -16.56 -11.69 3.14
CA THR B 134 -17.07 -13.05 3.12
C THR B 134 -18.15 -13.26 2.07
N ASP B 135 -18.82 -12.19 1.63
CA ASP B 135 -19.78 -12.32 0.54
C ASP B 135 -19.12 -12.44 -0.83
N GLY B 136 -17.79 -12.51 -0.90
CA GLY B 136 -17.09 -12.65 -2.14
C GLY B 136 -16.50 -11.37 -2.71
N GLN B 137 -16.91 -10.21 -2.21
CA GLN B 137 -16.44 -8.94 -2.75
C GLN B 137 -14.95 -8.74 -2.47
N LYS B 138 -14.16 -8.61 -3.53
CA LYS B 138 -12.75 -8.28 -3.40
C LYS B 138 -12.61 -6.81 -3.03
N PHE B 139 -11.80 -6.52 -2.01
CA PHE B 139 -11.58 -5.13 -1.63
C PHE B 139 -10.16 -4.64 -1.88
N ASP B 140 -9.21 -5.55 -2.10
CA ASP B 140 -7.87 -5.12 -2.47
C ASP B 140 -7.08 -6.32 -2.98
N SER B 141 -6.08 -6.01 -3.79
CA SER B 141 -5.15 -7.03 -4.26
C SER B 141 -3.85 -6.35 -4.61
N SER B 142 -2.75 -6.75 -3.97
CA SER B 142 -1.43 -6.27 -4.40
C SER B 142 -1.05 -6.80 -5.76
N LYS B 143 -1.62 -7.93 -6.18
CA LYS B 143 -1.30 -8.52 -7.47
C LYS B 143 -1.83 -7.66 -8.61
N ASP B 144 -3.05 -7.14 -8.46
CA ASP B 144 -3.67 -6.31 -9.47
C ASP B 144 -2.84 -5.06 -9.75
N ARG B 145 -2.08 -4.58 -8.76
CA ARG B 145 -1.22 -3.42 -8.96
CA ARG B 145 -1.22 -3.41 -8.96
C ARG B 145 0.26 -3.80 -9.01
N ASN B 146 0.56 -5.09 -9.19
CA ASN B 146 1.93 -5.61 -9.30
C ASN B 146 2.84 -5.00 -8.23
N ASP B 147 2.37 -5.02 -6.99
CA ASP B 147 2.97 -4.24 -5.90
C ASP B 147 3.14 -5.09 -4.63
N PRO B 148 4.24 -5.84 -4.52
CA PRO B 148 4.49 -6.59 -3.28
C PRO B 148 4.37 -5.67 -2.06
N PHE B 149 3.80 -6.20 -1.00
CA PHE B 149 3.49 -5.43 0.19
C PHE B 149 4.46 -5.82 1.28
N ALA B 150 5.17 -4.83 1.84
CA ALA B 150 6.11 -5.10 2.93
C ALA B 150 5.57 -4.59 4.26
N PHE B 151 5.87 -5.35 5.32
CA PHE B 151 5.53 -4.93 6.69
C PHE B 151 6.43 -5.64 7.69
N VAL B 152 6.56 -5.04 8.87
CA VAL B 152 7.34 -5.59 9.98
C VAL B 152 6.47 -6.63 10.67
N LEU B 153 6.84 -7.89 10.57
CA LEU B 153 6.03 -8.96 11.14
C LEU B 153 6.00 -8.87 12.66
N GLY B 154 4.80 -8.81 13.21
CA GLY B 154 4.61 -8.61 14.63
C GLY B 154 4.70 -7.16 15.08
N GLY B 155 4.81 -6.21 14.15
CA GLY B 155 5.06 -4.83 14.52
C GLY B 155 3.84 -4.00 14.84
N GLY B 156 2.65 -4.57 14.69
CA GLY B 156 1.44 -3.81 14.98
C GLY B 156 1.09 -2.78 13.94
N MET B 157 1.69 -2.84 12.75
CA MET B 157 1.41 -1.88 11.70
C MET B 157 0.34 -2.38 10.73
N VAL B 158 -0.12 -3.60 10.92
CA VAL B 158 -1.17 -4.21 10.12
C VAL B 158 -2.18 -4.80 11.10
N ILE B 159 -3.33 -5.22 10.56
CA ILE B 159 -4.37 -5.78 11.42
C ILE B 159 -3.83 -7.03 12.14
N LYS B 160 -4.41 -7.30 13.31
CA LYS B 160 -3.84 -8.31 14.19
C LYS B 160 -3.79 -9.69 13.53
N GLY B 161 -4.79 -10.03 12.72
CA GLY B 161 -4.83 -11.34 12.10
C GLY B 161 -3.69 -11.59 11.13
N TRP B 162 -3.13 -10.52 10.56
CA TRP B 162 -1.93 -10.65 9.74
C TRP B 162 -0.69 -10.88 10.58
N ASP B 163 -0.51 -10.10 11.66
CA ASP B 163 0.67 -10.28 12.50
C ASP B 163 0.72 -11.69 13.06
N GLU B 164 -0.44 -12.26 13.40
CA GLU B 164 -0.50 -13.63 13.87
C GLU B 164 -0.37 -14.63 12.72
N GLY B 165 -1.08 -14.39 11.61
CA GLY B 165 -1.26 -15.41 10.60
C GLY B 165 -0.11 -15.57 9.61
N VAL B 166 0.68 -14.53 9.42
CA VAL B 166 1.83 -14.66 8.52
C VAL B 166 3.02 -15.33 9.23
N GLN B 167 3.09 -15.28 10.55
CA GLN B 167 4.19 -15.95 11.26
C GLN B 167 4.17 -17.45 10.99
N GLY B 168 5.33 -18.02 10.69
CA GLY B 168 5.43 -19.43 10.38
C GLY B 168 5.32 -19.78 8.91
N MET B 169 4.89 -18.85 8.06
CA MET B 169 4.94 -19.09 6.63
C MET B 169 6.39 -19.21 6.17
N LYS B 170 6.57 -19.92 5.06
CA LYS B 170 7.88 -20.07 4.43
C LYS B 170 7.82 -19.46 3.04
N VAL B 171 8.95 -18.93 2.58
CA VAL B 171 8.96 -18.31 1.27
C VAL B 171 8.49 -19.32 0.24
N GLY B 172 7.62 -18.86 -0.67
CA GLY B 172 6.94 -19.73 -1.60
C GLY B 172 5.58 -20.20 -1.14
N GLY B 173 5.26 -20.03 0.13
CA GLY B 173 4.00 -20.54 0.65
C GLY B 173 2.85 -19.60 0.34
N VAL B 174 1.66 -20.18 0.29
CA VAL B 174 0.42 -19.45 0.10
C VAL B 174 -0.53 -19.90 1.21
N ARG B 175 -1.02 -18.94 1.99
CA ARG B 175 -1.82 -19.25 3.17
C ARG B 175 -3.08 -18.41 3.11
N ARG B 176 -4.21 -19.06 3.32
CA ARG B 176 -5.50 -18.40 3.35
C ARG B 176 -5.83 -18.06 4.80
N LEU B 177 -6.09 -16.78 5.08
CA LEU B 177 -6.45 -16.32 6.42
C LEU B 177 -7.91 -15.93 6.45
N THR B 178 -8.64 -16.44 7.43
CA THR B 178 -10.01 -16.01 7.70
C THR B 178 -10.01 -15.29 9.04
N ILE B 179 -10.19 -13.97 8.99
CA ILE B 179 -9.86 -13.08 10.10
C ILE B 179 -11.16 -12.54 10.68
N PRO B 180 -11.53 -12.91 11.90
CA PRO B 180 -12.73 -12.38 12.51
C PRO B 180 -12.54 -10.90 12.80
N PRO B 181 -13.64 -10.15 12.93
CA PRO B 181 -13.51 -8.68 12.99
C PRO B 181 -12.66 -8.16 14.13
N GLN B 182 -12.61 -8.86 15.26
CA GLN B 182 -11.79 -8.37 16.37
C GLN B 182 -10.30 -8.50 16.07
N LEU B 183 -9.92 -9.23 15.03
CA LEU B 183 -8.55 -9.27 14.56
C LEU B 183 -8.37 -8.52 13.24
N GLY B 184 -9.42 -7.84 12.78
CA GLY B 184 -9.38 -7.04 11.56
C GLY B 184 -9.67 -5.59 11.86
N TYR B 185 -10.74 -5.02 11.27
CA TYR B 185 -11.10 -3.63 11.51
C TYR B 185 -12.25 -3.47 12.50
N GLY B 186 -12.69 -4.56 13.11
CA GLY B 186 -13.62 -4.43 14.22
C GLY B 186 -14.91 -3.75 13.81
N ALA B 187 -15.53 -3.10 14.80
CA ALA B 187 -16.78 -2.40 14.55
C ALA B 187 -16.56 -1.11 13.78
N ARG B 188 -15.34 -0.59 13.73
CA ARG B 188 -15.14 0.64 12.99
C ARG B 188 -15.14 0.40 11.49
N GLY B 189 -14.67 -0.76 11.04
CA GLY B 189 -14.60 -1.00 9.62
C GLY B 189 -13.51 -0.13 9.00
N ALA B 190 -13.59 0.05 7.68
CA ALA B 190 -12.60 0.87 6.97
C ALA B 190 -13.33 1.69 5.90
N GLY B 191 -13.65 2.93 6.25
CA GLY B 191 -14.37 3.81 5.35
C GLY B 191 -15.67 3.20 4.87
N GLY B 192 -15.97 3.43 3.60
CA GLY B 192 -17.09 2.77 2.98
C GLY B 192 -16.76 1.45 2.33
N VAL B 193 -15.53 0.98 2.47
CA VAL B 193 -15.10 -0.23 1.78
C VAL B 193 -15.35 -1.47 2.62
N ILE B 194 -14.88 -1.48 3.86
CA ILE B 194 -15.03 -2.63 4.75
C ILE B 194 -16.06 -2.30 5.81
N PRO B 195 -17.20 -2.99 5.84
CA PRO B 195 -18.27 -2.65 6.79
C PRO B 195 -17.87 -2.93 8.23
N PRO B 196 -18.62 -2.40 9.19
CA PRO B 196 -18.43 -2.80 10.59
C PRO B 196 -18.57 -4.31 10.78
N ASN B 197 -17.73 -4.85 11.68
CA ASN B 197 -17.83 -6.24 12.12
C ASN B 197 -17.67 -7.23 10.96
N ALA B 198 -16.80 -6.92 10.02
CA ALA B 198 -16.58 -7.74 8.84
C ALA B 198 -15.53 -8.82 9.12
N THR B 199 -15.85 -10.06 8.79
CA THR B 199 -14.84 -11.10 8.69
C THR B 199 -14.15 -10.96 7.34
N LEU B 200 -12.81 -11.08 7.35
CA LEU B 200 -11.99 -10.85 6.16
C LEU B 200 -11.30 -12.15 5.75
N VAL B 201 -11.20 -12.36 4.45
CA VAL B 201 -10.48 -13.50 3.91
C VAL B 201 -9.32 -12.95 3.11
N PHE B 202 -8.11 -13.38 3.45
CA PHE B 202 -6.94 -13.04 2.65
C PHE B 202 -6.29 -14.32 2.14
N GLU B 203 -5.74 -14.26 0.94
CA GLU B 203 -4.76 -15.24 0.51
C GLU B 203 -3.45 -14.50 0.37
N VAL B 204 -2.42 -15.00 1.04
CA VAL B 204 -1.14 -14.33 1.19
C VAL B 204 -0.05 -15.25 0.66
N GLU B 205 0.81 -14.71 -0.21
CA GLU B 205 1.96 -15.45 -0.73
C GLU B 205 3.23 -14.80 -0.20
N LEU B 206 4.07 -15.58 0.49
CA LEU B 206 5.29 -15.05 1.09
C LEU B 206 6.40 -15.01 0.05
N LEU B 207 6.95 -13.82 -0.19
CA LEU B 207 7.95 -13.61 -1.23
C LEU B 207 9.37 -13.49 -0.67
N ASP B 208 9.51 -12.91 0.53
CA ASP B 208 10.83 -12.52 1.01
C ASP B 208 10.73 -12.19 2.49
N VAL B 209 11.78 -12.51 3.24
CA VAL B 209 11.81 -12.20 4.67
C VAL B 209 13.06 -11.41 5.05
#